data_9G1Y
#
_entry.id   9G1Y
#
_cell.length_a   64.830
_cell.length_b   59.540
_cell.length_c   72.010
_cell.angle_alpha   90.000
_cell.angle_beta   103.390
_cell.angle_gamma   90.000
#
_symmetry.space_group_name_H-M   'P 1 21 1'
#
loop_
_entity.id
_entity.type
_entity.pdbx_description
1 polymer 'Endoribonuclease MazF'
2 polymer 'Nanobody 3'
3 water water
#
loop_
_entity_poly.entity_id
_entity_poly.type
_entity_poly.pdbx_seq_one_letter_code
_entity_poly.pdbx_strand_id
1 'polypeptide(L)'
;MGSSHHHHHHSQDPIRRGDVYLADLSPVQGSEQGGVRPVVIIQNDTGNKYSPTVIVAAITGRINKAKIPTHVEIEKKKYK
LDKDSVILLEQIRTLDKKRLKEKLTYLSDDKMKEVDNALMISLGLNAVAHQKN
;
A,B
2 'polypeptide(L)'
;AQVQLQESGGGLVQPGGSLRLSCAASGFTFDDYAIGWFRQAPGKEREGVSCISSSDGSTYYADSVKGRFTISSDNAKNTV
YLQMNSLKPEDTAVYYCAADEYLCTGLAYSDYYPGKYEYDYWGQGTQVTVSSHHHHHH
;
C,D
#
# COMPACT_ATOMS: atom_id res chain seq x y z
N ASP A 13 12.15 -0.92 -19.60
CA ASP A 13 11.47 0.28 -20.10
C ASP A 13 10.05 0.46 -19.49
N PRO A 14 9.24 -0.60 -19.41
CA PRO A 14 8.03 -0.52 -18.59
C PRO A 14 8.31 -0.74 -17.11
N ILE A 15 7.48 -0.09 -16.29
CA ILE A 15 7.60 -0.23 -14.84
C ILE A 15 7.05 -1.58 -14.41
N ARG A 16 7.86 -2.32 -13.68
CA ARG A 16 7.59 -3.68 -13.26
C ARG A 16 7.60 -3.78 -11.75
N ARG A 17 6.77 -4.68 -11.22
CA ARG A 17 6.84 -5.01 -9.82
C ARG A 17 8.20 -5.61 -9.51
N GLY A 18 8.83 -5.13 -8.43
CA GLY A 18 10.20 -5.51 -8.15
C GLY A 18 11.24 -4.56 -8.69
N ASP A 19 10.86 -3.61 -9.55
CA ASP A 19 11.79 -2.59 -10.00
C ASP A 19 12.06 -1.61 -8.86
N VAL A 20 13.32 -1.18 -8.78
CA VAL A 20 13.79 -0.28 -7.74
C VAL A 20 14.11 1.06 -8.39
N TYR A 21 13.30 2.07 -8.10
CA TYR A 21 13.50 3.39 -8.68
C TYR A 21 14.01 4.38 -7.64
N LEU A 22 14.69 5.40 -8.13
CA LEU A 22 14.98 6.59 -7.37
C LEU A 22 13.78 7.52 -7.49
N ALA A 23 13.26 7.97 -6.33
CA ALA A 23 12.02 8.72 -6.30
C ALA A 23 12.10 9.80 -5.24
N ASP A 24 11.34 10.87 -5.47
CA ASP A 24 11.24 12.01 -4.57
C ASP A 24 10.02 11.81 -3.68
N LEU A 25 10.25 11.55 -2.39
CA LEU A 25 9.20 11.32 -1.43
C LEU A 25 8.86 12.56 -0.62
N SER A 26 9.54 13.68 -0.90
CA SER A 26 9.39 14.90 -0.13
C SER A 26 8.26 15.76 -0.69
N PRO A 27 7.65 16.63 0.13
CA PRO A 27 7.85 16.82 1.59
C PRO A 27 7.07 15.83 2.46
N VAL A 28 7.52 15.58 3.69
CA VAL A 28 6.78 14.73 4.62
C VAL A 28 6.73 15.41 6.00
N GLN A 29 5.99 14.78 6.91
CA GLN A 29 5.82 15.23 8.29
C GLN A 29 6.25 14.11 9.22
N GLY A 30 7.06 14.44 10.20
CA GLY A 30 7.27 13.50 11.28
C GLY A 30 7.89 12.19 10.82
N SER A 31 7.23 11.09 11.18
CA SER A 31 7.76 9.75 11.04
C SER A 31 7.62 9.16 9.64
N GLU A 32 6.99 9.87 8.71
CA GLU A 32 6.97 9.46 7.32
C GLU A 32 8.35 9.64 6.70
N GLN A 33 8.75 8.69 5.87
CA GLN A 33 10.01 8.76 5.14
C GLN A 33 9.88 9.65 3.91
N GLY A 34 10.83 10.54 3.72
CA GLY A 34 10.84 11.43 2.60
C GLY A 34 12.18 11.40 1.90
N GLY A 35 12.49 12.49 1.22
CA GLY A 35 13.73 12.63 0.48
C GLY A 35 13.67 12.01 -0.88
N VAL A 36 14.79 12.04 -1.57
CA VAL A 36 14.95 11.37 -2.84
C VAL A 36 15.77 10.10 -2.58
N ARG A 37 15.13 8.94 -2.66
CA ARG A 37 15.76 7.72 -2.20
C ARG A 37 15.22 6.55 -3.01
N PRO A 38 15.92 5.41 -2.99
CA PRO A 38 15.39 4.20 -3.63
C PRO A 38 14.07 3.73 -3.03
N VAL A 39 13.22 3.20 -3.91
CA VAL A 39 11.95 2.58 -3.52
C VAL A 39 11.79 1.34 -4.40
N VAL A 40 11.00 0.39 -3.93
CA VAL A 40 10.67 -0.80 -4.68
C VAL A 40 9.21 -0.70 -5.07
N ILE A 41 8.91 -0.95 -6.33
CA ILE A 41 7.53 -0.90 -6.82
C ILE A 41 6.80 -2.16 -6.38
N ILE A 42 5.71 -2.00 -5.63
CA ILE A 42 4.95 -3.14 -5.13
C ILE A 42 3.55 -3.31 -5.76
N GLN A 43 3.08 -2.35 -6.56
CA GLN A 43 1.79 -2.46 -7.24
C GLN A 43 1.89 -3.51 -8.35
N ASN A 44 0.75 -4.15 -8.65
CA ASN A 44 0.68 -5.17 -9.71
C ASN A 44 0.99 -4.58 -11.10
N ASP A 45 1.34 -5.48 -12.03
CA ASP A 45 1.84 -5.09 -13.34
C ASP A 45 0.75 -4.64 -14.30
N THR A 46 -0.49 -5.05 -14.09
CA THR A 46 -1.59 -4.43 -14.81
C THR A 46 -1.73 -2.96 -14.42
N GLY A 47 -1.75 -2.70 -13.10
CA GLY A 47 -1.80 -1.33 -12.60
C GLY A 47 -0.59 -0.49 -12.94
N ASN A 48 0.61 -1.10 -12.96
CA ASN A 48 1.81 -0.34 -13.28
C ASN A 48 1.85 0.09 -14.74
N LYS A 49 1.13 -0.60 -15.62
CA LYS A 49 1.18 -0.27 -17.03
C LYS A 49 0.20 0.82 -17.41
N TYR A 50 -0.99 0.86 -16.78
CA TYR A 50 -2.04 1.74 -17.30
C TYR A 50 -2.41 2.89 -16.38
N SER A 51 -2.32 2.71 -15.08
CA SER A 51 -2.65 3.74 -14.13
C SER A 51 -1.58 4.86 -14.13
N PRO A 52 -1.93 6.07 -13.72
CA PRO A 52 -0.93 7.14 -13.63
C PRO A 52 -0.09 7.12 -12.37
N THR A 53 -0.32 6.15 -11.48
CA THR A 53 0.38 6.08 -10.20
C THR A 53 0.97 4.69 -10.04
N VAL A 54 1.95 4.61 -9.14
CA VAL A 54 2.49 3.34 -8.66
C VAL A 54 2.42 3.33 -7.14
N ILE A 55 2.50 2.14 -6.57
CA ILE A 55 2.61 1.96 -5.13
C ILE A 55 4.02 1.47 -4.85
N VAL A 56 4.72 2.18 -3.97
CA VAL A 56 6.12 1.87 -3.70
C VAL A 56 6.27 1.61 -2.20
N ALA A 57 7.39 0.97 -1.85
CA ALA A 57 7.86 0.84 -0.48
C ALA A 57 9.30 1.37 -0.37
N ALA A 58 9.55 2.16 0.67
CA ALA A 58 10.81 2.92 0.80
C ALA A 58 11.96 2.06 1.31
N ILE A 59 13.15 2.46 0.90
CA ILE A 59 14.40 1.81 1.27
C ILE A 59 15.24 2.81 2.08
N THR A 60 15.89 2.32 3.13
CA THR A 60 16.77 3.14 3.94
C THR A 60 18.15 2.47 4.05
N GLY A 61 19.18 3.30 4.10
CA GLY A 61 20.49 2.87 4.52
C GLY A 61 20.82 3.31 5.94
N ARG A 62 19.87 3.92 6.64
CA ARG A 62 20.08 4.26 8.04
C ARG A 62 20.24 3.02 8.90
N ILE A 63 19.75 1.87 8.43
CA ILE A 63 20.00 0.58 9.06
C ILE A 63 20.40 -0.43 7.99
N ASN A 64 21.26 -1.36 8.35
CA ASN A 64 21.68 -2.42 7.44
C ASN A 64 21.14 -3.79 7.83
N LYS A 65 20.64 -3.97 9.04
CA LYS A 65 20.03 -5.23 9.45
C LYS A 65 18.56 -4.99 9.76
N ALA A 66 17.73 -6.00 9.55
CA ALA A 66 16.31 -5.88 9.80
C ALA A 66 16.03 -6.00 11.30
N LYS A 67 15.00 -5.29 11.75
CA LYS A 67 14.63 -5.33 13.17
C LYS A 67 13.15 -5.63 13.43
N ILE A 68 12.35 -5.81 12.38
CA ILE A 68 10.90 -5.92 12.47
C ILE A 68 10.45 -6.92 11.41
N PRO A 69 9.43 -7.75 11.66
CA PRO A 69 8.97 -8.72 10.63
C PRO A 69 8.59 -8.13 9.27
N THR A 70 8.35 -6.81 9.21
CA THR A 70 8.07 -6.10 7.97
C THR A 70 9.30 -5.43 7.37
N HIS A 71 10.50 -5.85 7.77
CA HIS A 71 11.76 -5.38 7.22
C HIS A 71 12.38 -6.52 6.39
N VAL A 72 12.95 -6.15 5.25
CA VAL A 72 13.58 -7.10 4.33
C VAL A 72 14.92 -6.49 3.91
N GLU A 73 15.98 -7.26 3.98
CA GLU A 73 17.32 -6.76 3.72
C GLU A 73 17.69 -6.80 2.22
N ILE A 74 18.46 -5.80 1.80
CA ILE A 74 19.03 -5.73 0.45
C ILE A 74 20.54 -5.59 0.61
N GLU A 75 21.31 -6.40 -0.11
CA GLU A 75 22.76 -6.46 0.01
CA GLU A 75 22.75 -6.42 0.04
C GLU A 75 23.42 -5.59 -1.05
N LYS A 76 24.29 -4.65 -0.64
CA LYS A 76 25.02 -3.78 -1.55
C LYS A 76 25.73 -4.54 -2.67
N LYS A 77 26.17 -5.76 -2.40
CA LYS A 77 26.93 -6.49 -3.41
C LYS A 77 26.04 -6.88 -4.59
N LYS A 78 24.81 -7.34 -4.33
CA LYS A 78 23.90 -7.81 -5.38
C LYS A 78 23.31 -6.67 -6.20
N TYR A 79 22.88 -5.58 -5.53
CA TYR A 79 22.17 -4.49 -6.18
C TYR A 79 22.97 -3.18 -6.11
N LYS A 80 22.81 -2.36 -7.15
CA LYS A 80 23.36 -1.00 -7.25
C LYS A 80 23.02 -0.09 -6.06
N LEU A 81 23.40 -0.47 -4.85
CA LEU A 81 23.14 0.34 -3.67
C LEU A 81 24.41 1.02 -3.16
N ASP A 82 24.20 2.06 -2.36
CA ASP A 82 25.31 2.74 -1.70
C ASP A 82 25.74 2.03 -0.43
N LYS A 83 24.81 1.34 0.23
CA LYS A 83 25.06 0.65 1.49
C LYS A 83 24.17 -0.57 1.55
N ASP A 84 24.54 -1.57 2.35
CA ASP A 84 23.56 -2.59 2.71
C ASP A 84 22.37 -1.87 3.32
N SER A 85 21.18 -2.20 2.84
CA SER A 85 19.96 -1.44 3.09
C SER A 85 18.88 -2.39 3.60
N VAL A 86 17.70 -1.83 3.86
CA VAL A 86 16.54 -2.63 4.26
C VAL A 86 15.27 -1.96 3.71
N ILE A 87 14.40 -2.80 3.17
CA ILE A 87 13.08 -2.37 2.72
C ILE A 87 12.17 -2.25 3.93
N LEU A 88 11.49 -1.11 4.04
CA LEU A 88 10.55 -0.87 5.12
C LEU A 88 9.15 -1.08 4.54
N LEU A 89 8.59 -2.27 4.72
CA LEU A 89 7.24 -2.53 4.22
C LEU A 89 6.16 -1.92 5.08
N GLU A 90 6.52 -1.09 6.06
CA GLU A 90 5.55 -0.26 6.77
C GLU A 90 5.52 1.17 6.26
N GLN A 91 6.48 1.57 5.46
CA GLN A 91 6.55 2.90 4.86
C GLN A 91 6.24 2.69 3.39
N ILE A 92 4.96 2.69 3.05
CA ILE A 92 4.55 2.49 1.67
C ILE A 92 3.64 3.64 1.24
N ARG A 93 3.70 4.00 -0.05
CA ARG A 93 2.81 5.06 -0.52
C ARG A 93 2.62 5.03 -2.04
N THR A 94 1.56 5.68 -2.47
CA THR A 94 1.22 5.78 -3.88
C THR A 94 1.80 7.09 -4.42
N LEU A 95 2.57 6.97 -5.50
CA LEU A 95 3.29 8.09 -6.08
C LEU A 95 2.89 8.29 -7.51
N ASP A 96 2.63 9.54 -7.88
CA ASP A 96 2.52 9.86 -9.30
C ASP A 96 3.84 9.54 -9.99
N LYS A 97 3.74 8.96 -11.19
CA LYS A 97 4.92 8.48 -11.89
C LYS A 97 5.94 9.58 -12.16
N LYS A 98 5.50 10.85 -12.22
CA LYS A 98 6.48 11.90 -12.43
C LYS A 98 7.46 11.99 -11.29
N ARG A 99 7.13 11.38 -10.14
CA ARG A 99 8.04 11.36 -8.99
C ARG A 99 9.21 10.42 -9.16
N LEU A 100 9.18 9.51 -10.15
CA LEU A 100 10.23 8.53 -10.40
C LEU A 100 11.28 9.12 -11.31
N LYS A 101 12.53 9.15 -10.86
CA LYS A 101 13.59 9.76 -11.66
C LYS A 101 14.31 8.73 -12.53
N GLU A 102 14.91 7.75 -11.88
CA GLU A 102 15.83 6.82 -12.50
C GLU A 102 15.51 5.39 -12.07
N LYS A 103 15.73 4.45 -12.96
CA LYS A 103 15.59 3.04 -12.62
C LYS A 103 16.96 2.59 -12.19
N LEU A 104 17.05 2.06 -10.96
CA LEU A 104 18.33 1.66 -10.41
C LEU A 104 18.65 0.18 -10.62
N THR A 105 17.72 -0.71 -10.31
CA THR A 105 17.96 -2.15 -10.35
C THR A 105 16.60 -2.83 -10.27
N TYR A 106 16.58 -4.15 -10.04
CA TYR A 106 15.35 -4.85 -9.74
C TYR A 106 15.67 -6.06 -8.88
N LEU A 107 14.74 -6.43 -8.02
CA LEU A 107 15.00 -7.47 -7.03
C LEU A 107 14.77 -8.86 -7.61
N SER A 108 15.47 -9.84 -7.05
CA SER A 108 15.29 -11.22 -7.46
C SER A 108 13.90 -11.70 -7.06
N ASP A 109 13.49 -12.80 -7.69
CA ASP A 109 12.22 -13.42 -7.35
C ASP A 109 12.23 -13.92 -5.92
N ASP A 110 13.37 -14.47 -5.48
CA ASP A 110 13.51 -14.99 -4.13
C ASP A 110 13.44 -13.86 -3.11
N LYS A 111 14.00 -12.71 -3.47
CA LYS A 111 13.93 -11.52 -2.64
C LYS A 111 12.54 -10.91 -2.66
N MET A 112 11.80 -11.08 -3.78
CA MET A 112 10.43 -10.60 -3.85
C MET A 112 9.47 -11.48 -3.07
N LYS A 113 9.81 -12.76 -2.86
CA LYS A 113 8.97 -13.61 -2.02
C LYS A 113 9.00 -13.15 -0.56
N GLU A 114 10.16 -12.68 -0.11
CA GLU A 114 10.29 -12.06 1.19
C GLU A 114 9.56 -10.73 1.24
N VAL A 115 9.52 -10.00 0.13
CA VAL A 115 8.78 -8.75 0.11
C VAL A 115 7.30 -9.02 0.28
N ASP A 116 6.75 -9.97 -0.50
CA ASP A 116 5.34 -10.33 -0.40
C ASP A 116 4.99 -10.70 1.03
N ASN A 117 5.82 -11.53 1.64
CA ASN A 117 5.56 -12.02 2.99
C ASN A 117 5.45 -10.87 3.98
N ALA A 118 6.42 -9.94 3.96
CA ALA A 118 6.40 -8.82 4.89
C ALA A 118 5.23 -7.89 4.61
N LEU A 119 4.78 -7.83 3.34
CA LEU A 119 3.63 -7.01 2.98
C LEU A 119 2.35 -7.59 3.53
N MET A 120 2.25 -8.92 3.60
CA MET A 120 1.10 -9.57 4.24
C MET A 120 1.12 -9.37 5.74
N ILE A 121 2.32 -9.35 6.34
CA ILE A 121 2.43 -9.06 7.76
C ILE A 121 2.12 -7.60 8.00
N SER A 122 2.67 -6.72 7.18
CA SER A 122 2.49 -5.29 7.38
C SER A 122 1.04 -4.89 7.23
N LEU A 123 0.32 -5.57 6.33
CA LEU A 123 -1.01 -5.11 5.98
C LEU A 123 -2.12 -5.95 6.57
N GLY A 124 -1.78 -6.90 7.44
CA GLY A 124 -2.79 -7.69 8.12
C GLY A 124 -3.53 -8.66 7.24
N LEU A 125 -2.82 -9.36 6.37
CA LEU A 125 -3.37 -10.32 5.44
C LEU A 125 -2.82 -11.69 5.78
N ASN A 126 -3.68 -12.70 5.83
CA ASN A 126 -3.22 -14.09 5.91
C ASN A 126 -4.07 -14.93 4.96
N ALA A 127 -3.44 -15.40 3.87
CA ALA A 127 -4.08 -16.29 2.90
C ALA A 127 -3.08 -17.30 2.35
N ASP B 13 -10.46 4.85 21.17
CA ASP B 13 -9.20 5.38 21.70
C ASP B 13 -7.94 4.69 21.11
N PRO B 14 -7.94 3.36 20.95
CA PRO B 14 -6.88 2.72 20.16
C PRO B 14 -7.19 2.73 18.68
N ILE B 15 -6.13 2.84 17.88
CA ILE B 15 -6.25 2.75 16.43
C ILE B 15 -6.36 1.29 16.04
N ARG B 16 -7.44 0.93 15.33
CA ARG B 16 -7.70 -0.46 14.95
C ARG B 16 -7.78 -0.54 13.44
N ARG B 17 -7.33 -1.67 12.90
CA ARG B 17 -7.52 -1.93 11.48
C ARG B 17 -8.99 -1.92 11.12
N GLY B 18 -9.31 -1.23 10.01
CA GLY B 18 -10.70 -1.05 9.60
C GLY B 18 -11.33 0.26 10.03
N ASP B 19 -10.68 1.03 10.89
CA ASP B 19 -11.24 2.30 11.33
C ASP B 19 -11.24 3.33 10.22
N VAL B 20 -12.26 4.16 10.21
CA VAL B 20 -12.39 5.20 9.21
C VAL B 20 -12.12 6.51 9.93
N TYR B 21 -10.98 7.11 9.60
CA TYR B 21 -10.59 8.37 10.16
C TYR B 21 -10.72 9.44 9.09
N LEU B 22 -10.96 10.65 9.54
CA LEU B 22 -10.78 11.83 8.74
C LEU B 22 -9.34 12.29 8.97
N ALA B 23 -8.57 12.45 7.89
CA ALA B 23 -7.14 12.73 8.02
C ALA B 23 -6.69 13.68 6.92
N ASP B 24 -5.62 14.44 7.20
CA ASP B 24 -5.08 15.43 6.27
C ASP B 24 -3.99 14.80 5.41
N LEU B 25 -4.26 14.64 4.12
CA LEU B 25 -3.35 13.99 3.18
C LEU B 25 -2.52 14.96 2.35
N SER B 26 -2.73 16.21 2.49
CA SER B 26 -2.02 17.14 1.64
C SER B 26 -0.70 17.52 2.29
N PRO B 27 0.30 17.99 1.52
CA PRO B 27 0.26 18.19 0.06
C PRO B 27 0.54 16.92 -0.74
N VAL B 28 -0.01 16.87 -1.95
CA VAL B 28 0.19 15.77 -2.87
C VAL B 28 0.59 16.35 -4.22
N GLN B 29 1.03 15.46 -5.12
CA GLN B 29 1.42 15.82 -6.49
C GLN B 29 0.70 14.96 -7.52
N GLY B 30 0.26 15.61 -8.59
CA GLY B 30 -0.24 14.89 -9.74
C GLY B 30 -1.50 14.15 -9.38
N SER B 31 -1.51 12.85 -9.64
CA SER B 31 -2.71 12.04 -9.46
C SER B 31 -2.91 11.56 -8.02
N GLU B 32 -2.00 11.91 -7.11
CA GLU B 32 -2.18 11.54 -5.70
C GLU B 32 -3.38 12.23 -5.09
N GLN B 33 -4.09 11.48 -4.23
CA GLN B 33 -5.26 12.00 -3.53
C GLN B 33 -4.84 12.82 -2.31
N GLY B 34 -5.36 14.03 -2.21
CA GLY B 34 -5.04 14.91 -1.11
C GLY B 34 -6.26 15.49 -0.47
N GLY B 35 -6.08 16.62 0.25
CA GLY B 35 -7.17 17.22 1.02
C GLY B 35 -7.31 16.58 2.38
N VAL B 36 -8.40 16.92 3.07
CA VAL B 36 -8.80 16.23 4.30
C VAL B 36 -9.98 15.34 3.94
N ARG B 37 -9.80 14.02 4.00
CA ARG B 37 -10.82 13.12 3.50
C ARG B 37 -10.83 11.85 4.33
N PRO B 38 -11.91 11.08 4.28
CA PRO B 38 -11.91 9.80 4.99
C PRO B 38 -10.82 8.90 4.44
N VAL B 39 -10.23 8.12 5.32
CA VAL B 39 -9.25 7.10 4.97
C VAL B 39 -9.58 5.90 5.85
N VAL B 40 -9.12 4.73 5.44
CA VAL B 40 -9.33 3.51 6.20
C VAL B 40 -7.99 2.96 6.65
N ILE B 41 -7.92 2.56 7.91
CA ILE B 41 -6.72 1.93 8.46
C ILE B 41 -6.58 0.53 7.91
N ILE B 42 -5.48 0.28 7.19
CA ILE B 42 -5.24 -1.04 6.62
C ILE B 42 -4.02 -1.74 7.23
N GLN B 43 -3.27 -1.06 8.08
CA GLN B 43 -2.14 -1.68 8.75
C GLN B 43 -2.62 -2.65 9.81
N ASN B 44 -1.81 -3.67 10.08
CA ASN B 44 -2.10 -4.63 11.13
C ASN B 44 -2.15 -3.94 12.50
N ASP B 45 -2.79 -4.58 13.47
CA ASP B 45 -3.07 -3.89 14.73
C ASP B 45 -1.87 -3.79 15.67
N THR B 46 -0.86 -4.64 15.53
CA THR B 46 0.41 -4.45 16.25
C THR B 46 1.11 -3.16 15.82
N GLY B 47 1.25 -2.92 14.51
CA GLY B 47 1.80 -1.65 14.04
C GLY B 47 0.97 -0.44 14.45
N ASN B 48 -0.36 -0.60 14.50
CA ASN B 48 -1.22 0.51 14.89
C ASN B 48 -1.03 0.87 16.37
N LYS B 49 -0.65 -0.08 17.20
CA LYS B 49 -0.54 0.28 18.61
C LYS B 49 0.83 0.84 18.93
N TYR B 50 1.88 0.29 18.31
CA TYR B 50 3.26 0.52 18.72
C TYR B 50 4.10 1.31 17.72
N SER B 51 3.80 1.23 16.43
CA SER B 51 4.54 2.01 15.46
C SER B 51 4.11 3.49 15.52
N PRO B 52 4.98 4.42 15.09
CA PRO B 52 4.60 5.84 15.08
C PRO B 52 3.79 6.25 13.87
N THR B 53 3.56 5.33 12.96
CA THR B 53 2.84 5.58 11.72
C THR B 53 1.70 4.58 11.57
N VAL B 54 0.76 4.95 10.71
CA VAL B 54 -0.30 4.07 10.25
C VAL B 54 -0.24 4.04 8.72
N ILE B 55 -0.81 2.97 8.16
CA ILE B 55 -0.99 2.80 6.73
C ILE B 55 -2.48 2.84 6.45
N VAL B 56 -2.88 3.72 5.54
CA VAL B 56 -4.29 3.98 5.23
C VAL B 56 -4.53 3.78 3.72
N ALA B 57 -5.82 3.70 3.35
CA ALA B 57 -6.30 3.78 1.96
C ALA B 57 -7.31 4.92 1.81
N ALA B 58 -7.23 5.65 0.70
CA ALA B 58 -8.08 6.85 0.60
C ALA B 58 -9.50 6.50 0.15
N ILE B 59 -10.42 7.36 0.53
CA ILE B 59 -11.81 7.26 0.12
C ILE B 59 -12.09 8.53 -0.66
N THR B 60 -12.74 8.38 -1.81
CA THR B 60 -13.20 9.50 -2.61
C THR B 60 -14.69 9.30 -2.85
N GLY B 61 -15.41 10.41 -2.85
CA GLY B 61 -16.77 10.49 -3.30
C GLY B 61 -16.88 11.06 -4.68
N ARG B 62 -15.74 11.21 -5.38
CA ARG B 62 -15.69 11.60 -6.77
C ARG B 62 -16.31 10.54 -7.68
N ILE B 63 -16.37 9.30 -7.22
CA ILE B 63 -17.14 8.24 -7.86
C ILE B 63 -17.94 7.60 -6.74
N ASN B 64 -19.16 7.19 -7.03
CA ASN B 64 -19.97 6.53 -6.02
C ASN B 64 -20.08 5.04 -6.25
N LYS B 65 -19.78 4.58 -7.44
CA LYS B 65 -19.75 3.16 -7.79
C LYS B 65 -18.33 2.83 -8.22
N ALA B 66 -17.94 1.58 -8.06
CA ALA B 66 -16.60 1.13 -8.41
C ALA B 66 -16.43 0.92 -9.91
N LYS B 67 -15.21 1.15 -10.39
CA LYS B 67 -14.87 0.92 -11.79
C LYS B 67 -13.64 0.03 -11.96
N ILE B 68 -13.03 -0.41 -10.88
CA ILE B 68 -11.74 -1.09 -10.89
C ILE B 68 -11.78 -2.24 -9.88
N PRO B 69 -11.17 -3.40 -10.17
CA PRO B 69 -11.13 -4.48 -9.18
C PRO B 69 -10.50 -4.08 -7.85
N THR B 70 -9.73 -2.99 -7.80
CA THR B 70 -9.16 -2.51 -6.55
C THR B 70 -10.01 -1.43 -5.90
N HIS B 71 -11.26 -1.30 -6.30
CA HIS B 71 -12.18 -0.33 -5.73
C HIS B 71 -13.23 -1.06 -4.92
N VAL B 72 -13.59 -0.47 -3.77
CA VAL B 72 -14.57 -1.03 -2.85
C VAL B 72 -15.54 0.07 -2.47
N GLU B 73 -16.84 -0.19 -2.56
CA GLU B 73 -17.86 0.81 -2.33
C GLU B 73 -18.21 0.93 -0.84
N ILE B 74 -18.46 2.16 -0.38
CA ILE B 74 -18.90 2.45 0.98
C ILE B 74 -20.24 3.18 0.91
N GLU B 75 -21.23 2.65 1.63
CA GLU B 75 -22.53 3.32 1.73
C GLU B 75 -22.37 4.61 2.54
N LYS B 76 -22.96 5.70 2.03
CA LYS B 76 -22.87 6.98 2.73
C LYS B 76 -23.54 6.94 4.10
N LYS B 77 -24.71 6.26 4.21
CA LYS B 77 -25.50 6.27 5.43
C LYS B 77 -24.90 5.39 6.52
N LYS B 78 -24.46 4.18 6.14
CA LYS B 78 -23.96 3.25 7.12
C LYS B 78 -22.65 3.75 7.72
N TYR B 79 -21.74 4.28 6.90
CA TYR B 79 -20.43 4.68 7.38
C TYR B 79 -20.21 6.18 7.36
N LYS B 80 -21.24 6.92 7.77
CA LYS B 80 -21.20 8.33 8.15
C LYS B 80 -20.39 9.21 7.18
N LEU B 81 -20.74 9.14 5.91
CA LEU B 81 -20.14 9.96 4.86
C LEU B 81 -21.14 11.00 4.40
N ASP B 82 -20.65 12.00 3.65
CA ASP B 82 -21.55 12.98 3.06
C ASP B 82 -22.18 12.46 1.78
N LYS B 83 -21.51 11.53 1.10
CA LYS B 83 -21.90 11.02 -0.20
C LYS B 83 -21.53 9.55 -0.27
N ASP B 84 -22.25 8.80 -1.10
CA ASP B 84 -21.82 7.45 -1.45
C ASP B 84 -20.45 7.54 -2.12
N SER B 85 -19.50 6.74 -1.62
CA SER B 85 -18.07 6.90 -1.88
C SER B 85 -17.44 5.55 -2.29
N VAL B 86 -16.12 5.53 -2.53
CA VAL B 86 -15.40 4.26 -2.77
C VAL B 86 -13.96 4.33 -2.22
N ILE B 87 -13.54 3.22 -1.60
CA ILE B 87 -12.18 2.99 -1.13
C ILE B 87 -11.32 2.65 -2.33
N LEU B 88 -10.22 3.38 -2.48
CA LEU B 88 -9.30 3.21 -3.61
C LEU B 88 -8.15 2.38 -3.09
N LEU B 89 -8.25 1.06 -3.28
CA LEU B 89 -7.13 0.30 -2.73
C LEU B 89 -5.87 0.44 -3.55
N GLU B 90 -5.88 1.32 -4.56
CA GLU B 90 -4.67 1.74 -5.26
C GLU B 90 -4.12 3.07 -4.74
N GLN B 91 -4.85 3.78 -3.89
CA GLN B 91 -4.40 5.04 -3.31
C GLN B 91 -4.14 4.80 -1.82
N ILE B 92 -2.96 4.30 -1.48
CA ILE B 92 -2.65 3.99 -0.09
C ILE B 92 -1.36 4.68 0.36
N ARG B 93 -1.30 5.02 1.64
CA ARG B 93 -0.08 5.64 2.12
C ARG B 93 0.05 5.52 3.62
N THR B 94 1.30 5.73 4.03
CA THR B 94 1.74 5.72 5.41
C THR B 94 1.70 7.14 5.96
N LEU B 95 1.01 7.31 7.07
CA LEU B 95 0.85 8.62 7.68
C LEU B 95 1.46 8.62 9.07
N ASP B 96 2.17 9.71 9.41
CA ASP B 96 2.43 9.94 10.80
C ASP B 96 1.09 10.06 11.51
N LYS B 97 0.94 9.38 12.66
CA LYS B 97 -0.34 9.36 13.34
C LYS B 97 -0.88 10.75 13.65
N LYS B 98 -0.01 11.77 13.77
CA LYS B 98 -0.49 13.14 13.99
C LYS B 98 -1.39 13.64 12.86
N ARG B 99 -1.41 12.94 11.74
CA ARG B 99 -2.27 13.29 10.62
C ARG B 99 -3.73 12.89 10.84
N LEU B 100 -4.03 12.06 11.84
CA LEU B 100 -5.39 11.57 12.03
C LEU B 100 -6.19 12.58 12.82
N LYS B 101 -7.23 13.13 12.23
CA LYS B 101 -8.02 14.18 12.88
C LYS B 101 -9.17 13.58 13.68
N GLU B 102 -10.10 12.91 13.02
CA GLU B 102 -11.35 12.48 13.62
C GLU B 102 -11.60 11.04 13.20
N LYS B 103 -12.18 10.24 14.09
CA LYS B 103 -12.54 8.87 13.74
C LYS B 103 -14.05 8.79 13.51
N LEU B 104 -14.45 8.50 12.28
CA LEU B 104 -15.85 8.64 11.96
C LEU B 104 -16.62 7.38 12.28
N THR B 105 -16.09 6.25 11.84
CA THR B 105 -16.83 5.01 11.91
C THR B 105 -15.80 3.88 11.80
N TYR B 106 -16.27 2.67 11.54
CA TYR B 106 -15.42 1.52 11.33
C TYR B 106 -16.18 0.53 10.48
N LEU B 107 -15.46 -0.19 9.62
CA LEU B 107 -16.10 -1.00 8.59
C LEU B 107 -16.56 -2.32 9.16
N SER B 108 -17.58 -2.90 8.52
CA SER B 108 -17.99 -4.23 8.92
C SER B 108 -16.90 -5.24 8.55
N ASP B 109 -16.96 -6.41 9.20
CA ASP B 109 -15.98 -7.45 8.88
C ASP B 109 -16.07 -7.84 7.42
N ASP B 110 -17.29 -7.87 6.88
CA ASP B 110 -17.51 -8.24 5.48
C ASP B 110 -16.96 -7.20 4.51
N LYS B 111 -17.00 -5.93 4.91
CA LYS B 111 -16.37 -4.88 4.11
C LYS B 111 -14.86 -4.94 4.22
N MET B 112 -14.32 -5.40 5.36
CA MET B 112 -12.87 -5.53 5.42
C MET B 112 -12.39 -6.73 4.63
N LYS B 113 -13.25 -7.72 4.42
CA LYS B 113 -12.88 -8.84 3.57
C LYS B 113 -12.81 -8.43 2.10
N GLU B 114 -13.73 -7.56 1.65
CA GLU B 114 -13.62 -7.00 0.30
C GLU B 114 -12.38 -6.12 0.19
N VAL B 115 -12.04 -5.42 1.26
CA VAL B 115 -10.83 -4.61 1.29
C VAL B 115 -9.59 -5.51 1.26
N ASP B 116 -9.58 -6.60 2.05
CA ASP B 116 -8.44 -7.51 1.98
C ASP B 116 -8.22 -7.98 0.56
N ASN B 117 -9.30 -8.45 -0.06
CA ASN B 117 -9.25 -8.98 -1.41
C ASN B 117 -8.74 -7.95 -2.41
N ALA B 118 -9.25 -6.72 -2.35
CA ALA B 118 -8.81 -5.71 -3.29
C ALA B 118 -7.35 -5.34 -3.08
N LEU B 119 -6.86 -5.41 -1.84
CA LEU B 119 -5.46 -5.12 -1.56
C LEU B 119 -4.55 -6.20 -2.12
N MET B 120 -5.02 -7.45 -2.14
CA MET B 120 -4.21 -8.51 -2.74
C MET B 120 -4.09 -8.34 -4.24
N ILE B 121 -5.14 -7.86 -4.89
CA ILE B 121 -5.05 -7.59 -6.33
C ILE B 121 -4.15 -6.39 -6.57
N SER B 122 -4.41 -5.30 -5.84
CA SER B 122 -3.70 -4.05 -6.08
C SER B 122 -2.21 -4.22 -5.88
N LEU B 123 -1.81 -5.10 -4.96
CA LEU B 123 -0.41 -5.27 -4.59
C LEU B 123 0.23 -6.54 -5.16
N GLY B 124 -0.48 -7.27 -6.00
CA GLY B 124 0.10 -8.42 -6.67
C GLY B 124 0.47 -9.54 -5.72
N LEU B 125 -0.42 -9.84 -4.76
CA LEU B 125 -0.16 -10.82 -3.71
C LEU B 125 -0.96 -12.10 -3.86
N ASN B 126 -1.56 -12.33 -5.02
CA ASN B 126 -2.25 -13.57 -5.31
C ASN B 126 -1.73 -14.06 -6.66
N ALA B 127 -2.61 -14.62 -7.49
CA ALA B 127 -2.21 -15.00 -8.84
C ALA B 127 -2.76 -13.96 -9.86
N VAL B 128 -2.59 -14.22 -11.15
CA VAL B 128 -3.06 -13.28 -12.15
N VAL C 3 26.96 5.69 24.71
CA VAL C 3 25.65 5.13 25.03
C VAL C 3 25.79 4.05 26.10
N GLN C 4 25.24 4.29 27.27
CA GLN C 4 25.37 3.38 28.40
C GLN C 4 24.00 3.15 29.02
N LEU C 5 23.76 1.92 29.44
CA LEU C 5 22.57 1.54 30.20
C LEU C 5 23.01 0.95 31.52
N GLN C 6 22.80 1.69 32.61
CA GLN C 6 23.14 1.23 33.94
C GLN C 6 21.85 0.93 34.68
N GLU C 7 21.66 -0.32 35.05
CA GLU C 7 20.47 -0.71 35.79
C GLU C 7 20.81 -0.84 37.27
N SER C 8 19.84 -1.28 38.06
CA SER C 8 19.94 -1.43 39.52
C SER C 8 18.62 -1.96 40.06
N GLY C 9 18.54 -2.18 41.36
CA GLY C 9 17.30 -2.62 41.97
C GLY C 9 17.16 -4.13 42.17
N GLY C 10 18.04 -4.93 41.57
CA GLY C 10 17.93 -6.37 41.73
C GLY C 10 18.32 -6.83 43.12
N GLY C 11 18.07 -8.11 43.39
CA GLY C 11 18.44 -8.70 44.65
C GLY C 11 17.50 -9.83 45.03
N LEU C 12 17.66 -10.29 46.26
CA LEU C 12 16.85 -11.38 46.80
C LEU C 12 15.61 -10.84 47.52
N VAL C 13 14.47 -11.48 47.27
CA VAL C 13 13.19 -11.08 47.83
C VAL C 13 12.39 -12.35 48.13
N GLN C 14 11.49 -12.28 49.13
CA GLN C 14 10.61 -13.39 49.39
C GLN C 14 9.42 -13.38 48.42
N PRO C 15 8.91 -14.56 48.05
CA PRO C 15 7.72 -14.60 47.18
C PRO C 15 6.55 -13.82 47.76
N GLY C 16 5.84 -13.12 46.88
CA GLY C 16 4.81 -12.18 47.26
C GLY C 16 5.27 -10.74 47.43
N GLY C 17 6.56 -10.51 47.63
CA GLY C 17 7.11 -9.18 47.77
C GLY C 17 7.13 -8.41 46.46
N SER C 18 7.89 -7.32 46.47
CA SER C 18 7.93 -6.41 45.33
C SER C 18 9.34 -5.82 45.21
N LEU C 19 9.59 -5.19 44.07
CA LEU C 19 10.86 -4.55 43.77
C LEU C 19 10.62 -3.40 42.81
N ARG C 20 11.62 -2.54 42.67
CA ARG C 20 11.59 -1.51 41.64
C ARG C 20 12.98 -1.47 41.01
N LEU C 21 13.08 -1.96 39.78
CA LEU C 21 14.33 -1.90 39.03
C LEU C 21 14.42 -0.57 38.31
N SER C 22 15.65 -0.12 38.09
CA SER C 22 15.94 1.12 37.40
C SER C 22 16.85 0.83 36.23
N CYS C 23 16.73 1.64 35.18
CA CYS C 23 17.66 1.60 34.07
C CYS C 23 18.05 3.04 33.73
N ALA C 24 19.33 3.34 33.81
CA ALA C 24 19.82 4.70 33.59
C ALA C 24 20.44 4.81 32.20
N ALA C 25 19.96 5.76 31.42
CA ALA C 25 20.39 5.94 30.04
C ALA C 25 21.33 7.12 29.94
N SER C 26 22.31 7.00 29.05
CA SER C 26 23.40 7.96 28.99
C SER C 26 23.50 8.66 27.63
N GLY C 27 24.19 8.02 26.70
CA GLY C 27 24.70 8.70 25.53
C GLY C 27 23.82 8.73 24.30
N PHE C 28 22.51 8.78 24.46
CA PHE C 28 21.62 8.93 23.32
C PHE C 28 20.48 9.87 23.67
N THR C 29 19.63 10.15 22.68
CA THR C 29 18.44 10.98 22.86
C THR C 29 17.33 10.11 23.42
N PHE C 30 16.86 10.45 24.63
CA PHE C 30 15.86 9.62 25.30
C PHE C 30 14.59 9.46 24.47
N ASP C 31 14.23 10.48 23.70
CA ASP C 31 12.99 10.45 22.94
C ASP C 31 13.15 9.84 21.56
N ASP C 32 14.37 9.50 21.14
CA ASP C 32 14.60 8.86 19.85
C ASP C 32 14.81 7.35 19.97
N TYR C 33 14.66 6.79 21.18
CA TYR C 33 14.87 5.37 21.43
C TYR C 33 13.76 4.83 22.33
N ALA C 34 13.37 3.58 22.08
CA ALA C 34 12.44 2.85 22.93
C ALA C 34 13.24 1.99 23.91
N ILE C 35 12.81 1.96 25.16
CA ILE C 35 13.50 1.20 26.19
C ILE C 35 12.57 0.16 26.79
N GLY C 36 13.11 -1.03 27.06
CA GLY C 36 12.37 -2.08 27.73
C GLY C 36 13.19 -3.03 28.58
N TRP C 37 12.55 -4.08 29.07
CA TRP C 37 13.18 -5.03 29.98
C TRP C 37 13.10 -6.42 29.39
N PHE C 38 14.24 -7.09 29.33
CA PHE C 38 14.35 -8.51 29.02
C PHE C 38 14.74 -9.27 30.27
N ARG C 39 14.52 -10.58 30.24
CA ARG C 39 14.97 -11.40 31.35
C ARG C 39 15.41 -12.75 30.80
N GLN C 40 16.29 -13.42 31.55
CA GLN C 40 16.73 -14.74 31.16
C GLN C 40 16.93 -15.61 32.39
N ALA C 41 16.16 -16.62 32.49
CA ALA C 41 16.38 -17.59 33.54
C ALA C 41 17.20 -18.73 32.97
N PRO C 42 18.03 -19.39 33.79
CA PRO C 42 18.84 -20.46 33.20
C PRO C 42 17.97 -21.57 32.60
N GLY C 43 18.28 -21.95 31.36
N GLU C 45 16.20 -19.43 28.21
CA GLU C 45 15.95 -18.62 27.02
C GLU C 45 15.70 -17.15 27.38
N ARG C 46 16.01 -16.23 26.47
CA ARG C 46 15.88 -14.78 26.72
C ARG C 46 14.54 -14.25 26.21
N GLU C 47 13.70 -13.80 27.13
CA GLU C 47 12.39 -13.25 26.79
C GLU C 47 12.33 -11.76 27.10
N GLY C 48 11.61 -11.03 26.25
CA GLY C 48 11.30 -9.63 26.52
C GLY C 48 10.13 -9.56 27.48
N VAL C 49 10.22 -8.64 28.43
CA VAL C 49 9.24 -8.53 29.51
C VAL C 49 8.35 -7.34 29.29
N SER C 50 8.94 -6.16 29.18
CA SER C 50 8.15 -4.97 29.09
C SER C 50 8.92 -4.01 28.21
N CYS C 51 8.23 -2.98 27.77
CA CYS C 51 8.89 -1.96 26.98
C CYS C 51 7.99 -0.75 27.01
N ILE C 52 8.60 0.42 26.83
CA ILE C 52 7.88 1.67 26.82
C ILE C 52 8.42 2.49 25.66
N SER C 53 7.52 2.90 24.77
CA SER C 53 7.91 3.65 23.59
C SER C 53 7.99 5.13 23.93
N SER C 54 9.01 5.78 23.38
CA SER C 54 9.29 7.19 23.59
C SER C 54 8.05 8.07 23.45
N SER C 55 7.56 8.22 22.22
CA SER C 55 6.38 9.01 21.91
C SER C 55 5.12 8.13 21.91
N ASP C 56 4.04 8.69 22.48
CA ASP C 56 2.72 8.08 22.71
C ASP C 56 2.70 7.37 24.05
N GLY C 57 3.87 7.03 24.57
CA GLY C 57 3.96 6.32 25.83
C GLY C 57 3.33 4.93 25.81
N SER C 58 3.12 4.36 24.64
CA SER C 58 2.52 3.03 24.55
C SER C 58 3.42 2.00 25.23
N THR C 59 2.81 1.09 26.00
CA THR C 59 3.57 0.14 26.78
C THR C 59 3.36 -1.25 26.21
N TYR C 60 4.35 -2.10 26.44
CA TYR C 60 4.22 -3.52 26.15
C TYR C 60 4.54 -4.28 27.42
N TYR C 61 3.81 -5.36 27.66
CA TYR C 61 4.09 -6.28 28.77
C TYR C 61 3.96 -7.70 28.26
N ALA C 62 4.93 -8.55 28.60
CA ALA C 62 4.76 -9.97 28.33
C ALA C 62 3.54 -10.50 29.06
N ASP C 63 2.96 -11.58 28.52
CA ASP C 63 1.72 -12.08 29.09
C ASP C 63 1.92 -12.56 30.52
N SER C 64 3.04 -13.22 30.80
CA SER C 64 3.25 -13.82 32.11
C SER C 64 3.50 -12.80 33.21
N VAL C 65 3.50 -11.51 32.92
CA VAL C 65 3.72 -10.49 33.94
C VAL C 65 2.68 -9.38 33.80
N LYS C 66 1.60 -9.66 33.08
CA LYS C 66 0.56 -8.65 32.87
C LYS C 66 -0.25 -8.46 34.14
N GLY C 67 -0.44 -7.19 34.52
CA GLY C 67 -1.07 -6.86 35.78
C GLY C 67 -0.14 -6.90 36.98
N ARG C 68 0.98 -7.62 36.90
CA ARG C 68 1.92 -7.74 38.01
C ARG C 68 3.08 -6.75 37.93
N PHE C 69 3.62 -6.52 36.73
CA PHE C 69 4.71 -5.57 36.51
C PHE C 69 4.16 -4.25 35.96
N THR C 70 4.96 -3.20 36.12
CA THR C 70 4.59 -1.89 35.60
C THR C 70 5.85 -1.14 35.18
N ILE C 71 5.87 -0.67 33.92
CA ILE C 71 6.98 0.11 33.40
C ILE C 71 6.57 1.57 33.31
N SER C 72 7.57 2.44 33.41
CA SER C 72 7.36 3.89 33.42
C SER C 72 8.69 4.56 33.08
N SER C 73 8.62 5.87 32.86
CA SER C 73 9.80 6.63 32.46
C SER C 73 9.76 8.01 33.09
N ASP C 74 10.95 8.50 33.46
CA ASP C 74 11.18 9.86 33.96
C ASP C 74 12.06 10.52 32.91
N ASN C 75 11.45 11.34 32.05
CA ASN C 75 12.20 11.86 30.91
C ASN C 75 13.30 12.81 31.32
N ALA C 76 13.18 13.44 32.51
CA ALA C 76 14.22 14.33 33.01
C ALA C 76 15.45 13.56 33.46
N LYS C 77 15.27 12.47 34.22
CA LYS C 77 16.40 11.70 34.72
C LYS C 77 16.88 10.67 33.71
N ASN C 78 16.22 10.56 32.55
CA ASN C 78 16.53 9.54 31.54
C ASN C 78 16.55 8.16 32.17
N THR C 79 15.46 7.81 32.84
CA THR C 79 15.40 6.62 33.66
C THR C 79 14.09 5.89 33.42
N VAL C 80 14.18 4.58 33.29
CA VAL C 80 13.00 3.71 33.19
C VAL C 80 12.97 2.83 34.42
N TYR C 81 11.79 2.69 35.00
CA TYR C 81 11.60 1.88 36.19
C TYR C 81 10.73 0.69 35.82
N LEU C 82 10.95 -0.43 36.51
CA LEU C 82 10.10 -1.61 36.36
C LEU C 82 9.66 -2.07 37.75
N GLN C 83 8.41 -1.79 38.10
CA GLN C 83 7.85 -2.10 39.41
C GLN C 83 7.23 -3.50 39.38
N MET C 84 7.88 -4.46 40.03
CA MET C 84 7.47 -5.87 39.99
C MET C 84 6.80 -6.21 41.32
N ASN C 85 5.49 -6.47 41.28
CA ASN C 85 4.75 -6.87 42.46
C ASN C 85 4.35 -8.34 42.37
N SER C 86 3.92 -8.89 43.52
CA SER C 86 3.41 -10.25 43.59
C SER C 86 4.41 -11.25 42.99
N LEU C 87 5.70 -11.00 43.27
CA LEU C 87 6.77 -11.73 42.62
C LEU C 87 6.66 -13.23 42.85
N LYS C 88 6.89 -14.00 41.80
CA LYS C 88 6.82 -15.44 41.81
C LYS C 88 8.21 -16.04 41.59
N PRO C 89 8.45 -17.29 42.00
CA PRO C 89 9.78 -17.87 41.79
C PRO C 89 10.09 -18.10 40.32
N GLU C 90 9.06 -18.20 39.48
CA GLU C 90 9.30 -18.26 38.04
C GLU C 90 9.90 -16.97 37.49
N ASP C 91 9.84 -15.87 38.25
CA ASP C 91 10.41 -14.60 37.81
C ASP C 91 11.91 -14.53 38.01
N THR C 92 12.50 -15.53 38.65
CA THR C 92 13.93 -15.51 38.98
C THR C 92 14.76 -15.58 37.71
N ALA C 93 15.54 -14.53 37.45
CA ALA C 93 16.30 -14.43 36.21
C ALA C 93 17.24 -13.23 36.28
N VAL C 94 18.07 -13.11 35.26
CA VAL C 94 18.88 -11.90 35.06
C VAL C 94 18.07 -10.96 34.16
N TYR C 95 17.79 -9.76 34.65
CA TYR C 95 16.97 -8.79 33.94
C TYR C 95 17.87 -7.74 33.28
N TYR C 96 17.78 -7.61 31.97
CA TYR C 96 18.55 -6.64 31.19
C TYR C 96 17.61 -5.57 30.65
N CYS C 97 18.02 -4.32 30.75
CA CYS C 97 17.35 -3.28 30.00
C CYS C 97 18.06 -3.05 28.68
N ALA C 98 17.28 -2.77 27.64
CA ALA C 98 17.79 -2.56 26.30
C ALA C 98 17.12 -1.35 25.69
N ALA C 99 17.70 -0.85 24.60
CA ALA C 99 17.15 0.29 23.88
C ALA C 99 17.39 0.13 22.39
N ASP C 100 16.38 0.46 21.60
CA ASP C 100 16.42 0.41 20.14
C ASP C 100 15.24 1.23 19.61
N GLU C 101 15.36 1.67 18.34
CA GLU C 101 14.27 2.39 17.70
C GLU C 101 13.00 1.53 17.55
N TYR C 102 13.13 0.23 17.32
CA TYR C 102 11.99 -0.63 17.05
C TYR C 102 11.69 -1.61 18.19
N LEU C 103 12.32 -1.44 19.35
CA LEU C 103 12.26 -2.46 20.40
C LEU C 103 10.82 -2.76 20.82
N CYS C 104 9.95 -1.76 20.81
CA CYS C 104 8.60 -1.99 21.34
C CYS C 104 7.70 -2.64 20.31
N THR C 105 7.71 -2.13 19.08
CA THR C 105 6.94 -2.81 18.05
C THR C 105 7.56 -4.18 17.77
N GLY C 106 8.86 -4.32 17.97
CA GLY C 106 9.49 -5.62 17.81
C GLY C 106 9.12 -6.59 18.91
N LEU C 107 9.07 -6.12 20.16
CA LEU C 107 8.67 -7.03 21.21
C LEU C 107 7.22 -7.48 21.02
N ALA C 108 6.35 -6.57 20.60
CA ALA C 108 4.96 -6.97 20.37
C ALA C 108 4.83 -7.90 19.17
N TYR C 109 5.62 -7.68 18.10
CA TYR C 109 5.52 -8.58 16.95
C TYR C 109 5.95 -9.99 17.32
N SER C 110 6.85 -10.14 18.27
CA SER C 110 7.34 -11.46 18.60
C SER C 110 6.29 -12.29 19.32
N ASP C 111 5.13 -11.72 19.66
CA ASP C 111 4.05 -12.55 20.16
C ASP C 111 3.34 -13.30 19.05
N TYR C 112 3.54 -12.88 17.79
CA TYR C 112 2.83 -13.40 16.63
C TYR C 112 3.73 -14.02 15.58
N TYR C 113 4.94 -13.51 15.41
CA TYR C 113 5.81 -13.98 14.38
C TYR C 113 7.14 -14.38 15.03
N PRO C 114 7.62 -15.59 14.77
CA PRO C 114 8.91 -15.99 15.33
C PRO C 114 10.04 -15.24 14.65
N GLY C 115 10.98 -14.76 15.45
CA GLY C 115 12.05 -13.98 14.88
C GLY C 115 13.33 -14.14 15.65
N LYS C 116 14.31 -13.34 15.29
CA LYS C 116 15.61 -13.36 15.94
C LYS C 116 16.34 -12.11 15.47
N TYR C 117 16.01 -10.99 16.10
CA TYR C 117 16.45 -9.67 15.68
C TYR C 117 17.41 -9.11 16.72
N GLU C 118 18.52 -8.53 16.26
CA GLU C 118 19.51 -7.94 17.15
C GLU C 118 19.16 -6.48 17.39
N TYR C 119 19.12 -6.06 18.64
CA TYR C 119 18.82 -4.70 19.01
C TYR C 119 20.10 -3.98 19.48
N ASP C 120 20.05 -2.66 19.44
CA ASP C 120 21.27 -1.85 19.47
C ASP C 120 21.98 -1.90 20.81
N TYR C 121 21.34 -1.43 21.88
CA TYR C 121 22.04 -1.19 23.14
C TYR C 121 21.56 -2.14 24.24
N TRP C 122 22.51 -2.72 24.97
CA TRP C 122 22.21 -3.66 26.03
C TRP C 122 22.93 -3.26 27.33
N GLY C 123 22.25 -3.48 28.45
CA GLY C 123 22.81 -3.31 29.76
C GLY C 123 23.57 -4.52 30.25
N GLN C 124 24.02 -4.44 31.50
CA GLN C 124 24.85 -5.47 32.12
C GLN C 124 24.03 -6.57 32.78
N GLY C 125 22.81 -6.28 33.19
CA GLY C 125 21.97 -7.29 33.82
C GLY C 125 22.02 -7.17 35.33
N THR C 126 20.90 -7.41 35.99
CA THR C 126 20.85 -7.45 37.45
C THR C 126 20.05 -8.68 37.87
N GLN C 127 20.58 -9.42 38.83
CA GLN C 127 19.98 -10.69 39.24
C GLN C 127 18.76 -10.43 40.13
N VAL C 128 17.66 -11.11 39.82
CA VAL C 128 16.43 -11.03 40.60
C VAL C 128 16.09 -12.45 41.03
N THR C 129 16.27 -12.73 42.32
CA THR C 129 16.01 -14.05 42.90
C THR C 129 14.80 -13.98 43.81
N VAL C 130 13.84 -14.87 43.58
CA VAL C 130 12.62 -14.95 44.38
C VAL C 130 12.64 -16.29 45.10
N SER C 131 12.84 -16.26 46.41
CA SER C 131 12.93 -17.50 47.17
C SER C 131 12.61 -17.30 48.66
N SER C 132 11.96 -18.29 49.25
N GLN D 2 -23.03 18.19 -22.68
CA GLN D 2 -21.73 18.54 -22.11
C GLN D 2 -20.63 17.66 -22.72
N VAL D 3 -20.40 16.48 -22.14
CA VAL D 3 -19.38 15.57 -22.64
C VAL D 3 -20.00 14.71 -23.74
N GLN D 4 -19.47 14.85 -24.96
CA GLN D 4 -20.00 14.11 -26.10
C GLN D 4 -18.87 13.47 -26.90
N LEU D 5 -19.10 12.23 -27.32
CA LEU D 5 -18.18 11.46 -28.14
C LEU D 5 -18.89 11.15 -29.45
N GLN D 6 -18.46 11.77 -30.53
CA GLN D 6 -19.11 11.59 -31.82
C GLN D 6 -18.22 10.69 -32.68
N GLU D 7 -18.74 9.51 -33.04
CA GLU D 7 -17.94 8.59 -33.83
C GLU D 7 -18.35 8.68 -35.29
N SER D 8 -17.68 7.90 -36.14
CA SER D 8 -17.84 7.92 -37.59
C SER D 8 -16.90 6.90 -38.22
N GLY D 9 -16.91 6.81 -39.56
CA GLY D 9 -16.03 5.93 -40.26
C GLY D 9 -16.61 4.59 -40.64
N GLY D 10 -17.79 4.23 -40.12
CA GLY D 10 -18.39 2.94 -40.38
C GLY D 10 -18.87 2.73 -41.82
N GLY D 11 -19.31 1.51 -42.08
CA GLY D 11 -19.86 1.14 -43.37
C GLY D 11 -19.62 -0.33 -43.67
N LEU D 12 -19.92 -0.69 -44.90
CA LEU D 12 -19.81 -2.06 -45.36
C LEU D 12 -18.40 -2.28 -45.92
N VAL D 13 -17.81 -3.43 -45.63
CA VAL D 13 -16.44 -3.72 -46.06
C VAL D 13 -16.34 -5.18 -46.50
N GLN D 14 -15.41 -5.44 -47.40
CA GLN D 14 -15.18 -6.81 -47.76
C GLN D 14 -14.24 -7.49 -46.76
N PRO D 15 -14.38 -8.79 -46.54
CA PRO D 15 -13.43 -9.50 -45.70
C PRO D 15 -12.01 -9.32 -46.22
N GLY D 16 -11.07 -9.05 -45.30
CA GLY D 16 -9.74 -8.66 -45.70
C GLY D 16 -9.57 -7.17 -45.91
N GLY D 17 -10.67 -6.44 -46.09
CA GLY D 17 -10.61 -5.01 -46.24
C GLY D 17 -10.23 -4.33 -44.93
N SER D 18 -10.43 -3.01 -44.92
CA SER D 18 -9.99 -2.20 -43.81
C SER D 18 -10.90 -0.99 -43.67
N LEU D 19 -10.80 -0.33 -42.50
CA LEU D 19 -11.53 0.88 -42.16
C LEU D 19 -10.77 1.67 -41.11
N ARG D 20 -11.16 2.94 -40.96
CA ARG D 20 -10.61 3.82 -39.93
C ARG D 20 -11.76 4.58 -39.28
N LEU D 21 -12.05 4.24 -38.02
CA LEU D 21 -13.07 4.91 -37.22
C LEU D 21 -12.48 6.11 -36.48
N SER D 22 -13.32 7.12 -36.26
CA SER D 22 -12.95 8.32 -35.53
C SER D 22 -13.86 8.51 -34.33
N CYS D 23 -13.30 9.07 -33.27
CA CYS D 23 -14.05 9.47 -32.10
C CYS D 23 -13.63 10.88 -31.75
N ALA D 24 -14.56 11.82 -31.85
CA ALA D 24 -14.30 13.22 -31.57
C ALA D 24 -14.86 13.54 -30.19
N ALA D 25 -13.99 13.99 -29.28
CA ALA D 25 -14.34 14.21 -27.89
C ALA D 25 -14.54 15.71 -27.65
N SER D 26 -15.51 16.04 -26.79
CA SER D 26 -15.92 17.44 -26.73
C SER D 26 -15.68 18.10 -25.38
N GLY D 27 -16.60 17.93 -24.44
CA GLY D 27 -16.66 18.79 -23.27
C GLY D 27 -15.89 18.36 -22.04
N PHE D 28 -14.72 17.74 -22.19
CA PHE D 28 -13.89 17.39 -21.05
C PHE D 28 -12.42 17.65 -21.40
N THR D 29 -11.53 17.43 -20.42
CA THR D 29 -10.09 17.56 -20.63
C THR D 29 -9.56 16.28 -21.25
N PHE D 30 -9.09 16.38 -22.51
CA PHE D 30 -8.69 15.22 -23.31
C PHE D 30 -7.57 14.42 -22.66
N ASP D 31 -6.68 15.08 -21.93
CA ASP D 31 -5.54 14.41 -21.34
C ASP D 31 -5.86 13.85 -19.96
N ASP D 32 -7.07 14.10 -19.44
CA ASP D 32 -7.48 13.57 -18.15
C ASP D 32 -8.44 12.38 -18.27
N TYR D 33 -8.68 11.89 -19.48
CA TYR D 33 -9.61 10.79 -19.70
C TYR D 33 -9.05 9.79 -20.70
N ALA D 34 -9.31 8.53 -20.47
CA ALA D 34 -8.95 7.51 -21.44
C ALA D 34 -10.16 7.28 -22.35
N ILE D 35 -9.91 7.25 -23.65
CA ILE D 35 -10.94 7.02 -24.65
C ILE D 35 -10.64 5.70 -25.32
N GLY D 36 -11.68 4.91 -25.56
CA GLY D 36 -11.54 3.62 -26.22
C GLY D 36 -12.72 3.19 -27.06
N TRP D 37 -12.69 1.95 -27.51
CA TRP D 37 -13.70 1.38 -28.39
C TRP D 37 -14.25 0.10 -27.80
N PHE D 38 -15.57 0.02 -27.73
CA PHE D 38 -16.34 -1.19 -27.46
C PHE D 38 -17.03 -1.62 -28.73
N ARG D 39 -17.51 -2.87 -28.74
CA ARG D 39 -18.31 -3.30 -29.88
C ARG D 39 -19.38 -4.30 -29.44
N GLN D 40 -20.45 -4.36 -30.23
CA GLN D 40 -21.55 -5.29 -29.96
C GLN D 40 -22.20 -5.70 -31.27
N ALA D 41 -22.24 -6.96 -31.51
CA ALA D 41 -22.85 -7.67 -32.61
C ALA D 41 -24.28 -8.08 -32.24
N PRO D 42 -25.17 -8.22 -33.22
CA PRO D 42 -26.57 -8.53 -32.90
C PRO D 42 -26.70 -9.71 -31.97
N GLY D 43 -27.52 -9.54 -30.94
CA GLY D 43 -27.85 -10.61 -30.01
C GLY D 43 -26.77 -10.91 -29.00
N LYS D 44 -25.51 -10.68 -29.36
CA LYS D 44 -24.39 -11.11 -28.54
C LYS D 44 -23.99 -10.00 -27.57
N GLU D 45 -22.76 -10.05 -27.07
CA GLU D 45 -22.32 -9.29 -25.91
C GLU D 45 -21.48 -8.09 -26.28
N ARG D 46 -21.43 -7.12 -25.38
CA ARG D 46 -20.66 -5.90 -25.57
C ARG D 46 -19.25 -6.14 -25.03
N GLU D 47 -18.26 -6.15 -25.91
CA GLU D 47 -16.88 -6.37 -25.54
C GLU D 47 -16.04 -5.11 -25.77
N GLY D 48 -15.06 -4.89 -24.89
CA GLY D 48 -14.10 -3.83 -25.10
C GLY D 48 -13.03 -4.24 -26.11
N VAL D 49 -12.67 -3.31 -26.98
CA VAL D 49 -11.77 -3.58 -28.10
C VAL D 49 -10.41 -2.96 -27.90
N SER D 50 -10.38 -1.64 -27.80
CA SER D 50 -9.11 -0.96 -27.68
C SER D 50 -9.30 0.26 -26.78
N CYS D 51 -8.20 0.78 -26.28
CA CYS D 51 -8.25 1.93 -25.39
C CYS D 51 -6.87 2.56 -25.42
N ILE D 52 -6.83 3.88 -25.24
CA ILE D 52 -5.58 4.63 -25.24
C ILE D 52 -5.63 5.66 -24.12
N SER D 53 -4.66 5.60 -23.20
CA SER D 53 -4.62 6.54 -22.09
C SER D 53 -3.87 7.81 -22.52
N SER D 54 -4.40 8.94 -22.09
CA SER D 54 -3.86 10.26 -22.43
C SER D 54 -2.35 10.41 -22.28
N SER D 55 -1.87 10.46 -21.04
CA SER D 55 -0.45 10.55 -20.77
C SER D 55 0.11 9.13 -20.61
N ASP D 56 1.30 8.92 -21.20
CA ASP D 56 2.01 7.65 -21.37
C ASP D 56 1.65 7.00 -22.71
N GLY D 57 0.49 7.35 -23.26
CA GLY D 57 0.06 6.80 -24.53
C GLY D 57 -0.09 5.29 -24.54
N SER D 58 -0.14 4.66 -23.37
CA SER D 58 -0.25 3.21 -23.29
C SER D 58 -1.54 2.73 -23.96
N THR D 59 -1.44 1.61 -24.65
CA THR D 59 -2.58 1.07 -25.38
C THR D 59 -3.03 -0.23 -24.76
N TYR D 60 -4.29 -0.55 -24.97
CA TYR D 60 -4.85 -1.86 -24.67
C TYR D 60 -5.49 -2.40 -25.94
N TYR D 61 -5.36 -3.71 -26.17
CA TYR D 61 -6.11 -4.34 -27.25
C TYR D 61 -6.68 -5.65 -26.74
N ALA D 62 -7.96 -5.88 -27.02
CA ALA D 62 -8.53 -7.19 -26.76
C ALA D 62 -7.81 -8.24 -27.59
N ASP D 63 -7.85 -9.48 -27.14
CA ASP D 63 -7.10 -10.53 -27.82
C ASP D 63 -7.56 -10.69 -29.27
N SER D 64 -8.87 -10.64 -29.51
CA SER D 64 -9.35 -10.98 -30.83
C SER D 64 -9.04 -9.95 -31.91
N VAL D 65 -8.33 -8.88 -31.60
CA VAL D 65 -8.03 -7.86 -32.62
C VAL D 65 -6.55 -7.46 -32.54
N LYS D 66 -5.73 -8.27 -31.89
CA LYS D 66 -4.33 -7.93 -31.73
C LYS D 66 -3.58 -8.17 -33.03
N GLY D 67 -2.75 -7.21 -33.42
CA GLY D 67 -2.05 -7.21 -34.68
C GLY D 67 -2.87 -6.66 -35.83
N ARG D 68 -4.19 -6.72 -35.72
CA ARG D 68 -5.09 -6.26 -36.77
C ARG D 68 -5.61 -4.85 -36.55
N PHE D 69 -5.91 -4.45 -35.30
CA PHE D 69 -6.35 -3.09 -35.02
C PHE D 69 -5.23 -2.26 -34.42
N THR D 70 -5.37 -0.95 -34.55
CA THR D 70 -4.41 0.01 -34.02
C THR D 70 -5.18 1.26 -33.59
N ILE D 71 -5.00 1.64 -32.29
CA ILE D 71 -5.59 2.87 -31.76
C ILE D 71 -4.51 3.91 -31.66
N SER D 72 -4.92 5.17 -31.79
CA SER D 72 -4.00 6.31 -31.82
C SER D 72 -4.81 7.56 -31.51
N SER D 73 -4.12 8.65 -31.25
CA SER D 73 -4.79 9.85 -30.80
C SER D 73 -4.12 11.07 -31.37
N ASP D 74 -4.94 12.08 -31.66
CA ASP D 74 -4.47 13.39 -32.09
C ASP D 74 -4.90 14.36 -30.99
N ASN D 75 -3.93 14.76 -30.16
CA ASN D 75 -4.24 15.57 -29.00
C ASN D 75 -4.69 16.98 -29.38
N ALA D 76 -4.31 17.43 -30.58
CA ALA D 76 -4.77 18.72 -31.08
C ALA D 76 -6.25 18.70 -31.45
N LYS D 77 -6.67 17.65 -32.16
CA LYS D 77 -8.05 17.54 -32.62
C LYS D 77 -8.98 16.89 -31.60
N ASN D 78 -8.45 16.43 -30.47
CA ASN D 78 -9.22 15.70 -29.45
C ASN D 78 -10.00 14.55 -30.10
N THR D 79 -9.26 13.73 -30.82
CA THR D 79 -9.85 12.71 -31.66
C THR D 79 -9.05 11.44 -31.49
N VAL D 80 -9.75 10.33 -31.43
CA VAL D 80 -9.12 9.02 -31.34
C VAL D 80 -9.44 8.27 -32.62
N TYR D 81 -8.46 7.55 -33.12
CA TYR D 81 -8.64 6.75 -34.32
C TYR D 81 -8.50 5.27 -34.00
N LEU D 82 -9.24 4.44 -34.75
CA LEU D 82 -9.13 2.98 -34.69
C LEU D 82 -8.93 2.50 -36.13
N GLN D 83 -7.71 2.10 -36.48
CA GLN D 83 -7.44 1.60 -37.83
C GLN D 83 -7.59 0.09 -37.82
N MET D 84 -8.61 -0.41 -38.49
CA MET D 84 -8.92 -1.82 -38.50
C MET D 84 -8.47 -2.43 -39.83
N ASN D 85 -7.50 -3.35 -39.76
CA ASN D 85 -7.03 -4.08 -40.93
C ASN D 85 -7.51 -5.52 -40.90
N SER D 86 -7.32 -6.19 -42.04
CA SER D 86 -7.57 -7.62 -42.16
C SER D 86 -8.96 -7.98 -41.67
N LEU D 87 -9.94 -7.13 -41.97
CA LEU D 87 -11.26 -7.29 -41.37
C LEU D 87 -11.82 -8.67 -41.68
N LYS D 88 -12.42 -9.27 -40.66
CA LYS D 88 -13.05 -10.58 -40.75
C LYS D 88 -14.54 -10.35 -40.51
N PRO D 89 -15.42 -11.26 -40.96
CA PRO D 89 -16.86 -11.04 -40.73
C PRO D 89 -17.28 -11.12 -39.28
N GLU D 90 -16.52 -11.83 -38.43
CA GLU D 90 -16.79 -11.84 -37.00
C GLU D 90 -16.56 -10.48 -36.34
N ASP D 91 -15.95 -9.54 -37.06
CA ASP D 91 -15.79 -8.15 -36.62
C ASP D 91 -17.03 -7.29 -36.89
N THR D 92 -18.06 -7.85 -37.54
CA THR D 92 -19.25 -7.08 -37.90
C THR D 92 -20.05 -6.72 -36.64
N ALA D 93 -20.21 -5.42 -36.37
CA ALA D 93 -20.84 -4.98 -35.11
C ALA D 93 -21.07 -3.46 -35.10
N VAL D 94 -21.74 -3.00 -34.05
CA VAL D 94 -21.84 -1.57 -33.74
C VAL D 94 -20.66 -1.23 -32.85
N TYR D 95 -19.85 -0.27 -33.28
CA TYR D 95 -18.66 0.13 -32.55
C TYR D 95 -18.93 1.45 -31.82
N TYR D 96 -18.81 1.46 -30.49
CA TYR D 96 -18.99 2.64 -29.64
C TYR D 96 -17.65 3.11 -29.05
N CYS D 97 -17.37 4.39 -29.10
CA CYS D 97 -16.27 4.83 -28.27
C CYS D 97 -16.81 5.31 -26.93
N ALA D 98 -16.00 5.10 -25.90
CA ALA D 98 -16.34 5.45 -24.53
C ALA D 98 -15.16 6.20 -23.91
N ALA D 99 -15.41 6.86 -22.79
CA ALA D 99 -14.35 7.61 -22.13
C ALA D 99 -14.59 7.59 -20.62
N ASP D 100 -13.52 7.42 -19.84
CA ASP D 100 -13.63 7.38 -18.39
C ASP D 100 -12.23 7.53 -17.80
N GLU D 101 -12.17 7.96 -16.53
CA GLU D 101 -10.85 8.04 -15.91
C GLU D 101 -10.19 6.66 -15.87
N TYR D 102 -10.99 5.61 -15.67
CA TYR D 102 -10.45 4.28 -15.46
C TYR D 102 -10.67 3.36 -16.66
N LEU D 103 -11.07 3.91 -17.82
CA LEU D 103 -11.46 3.06 -18.94
C LEU D 103 -10.33 2.12 -19.35
N CYS D 104 -9.09 2.58 -19.26
CA CYS D 104 -7.99 1.77 -19.77
C CYS D 104 -7.54 0.72 -18.77
N THR D 105 -7.34 1.13 -17.51
CA THR D 105 -6.91 0.15 -16.53
C THR D 105 -8.01 -0.85 -16.25
N GLY D 106 -9.27 -0.44 -16.36
CA GLY D 106 -10.36 -1.39 -16.19
C GLY D 106 -10.44 -2.42 -17.30
N LEU D 107 -10.25 -1.99 -18.55
CA LEU D 107 -10.28 -2.94 -19.65
C LEU D 107 -9.11 -3.92 -19.57
N ALA D 108 -7.94 -3.44 -19.16
CA ALA D 108 -6.82 -4.35 -19.02
C ALA D 108 -7.08 -5.34 -17.89
N TYR D 109 -7.69 -4.89 -16.78
CA TYR D 109 -8.03 -5.78 -15.67
C TYR D 109 -9.07 -6.82 -16.08
N SER D 110 -9.93 -6.49 -17.05
CA SER D 110 -10.98 -7.44 -17.41
C SER D 110 -10.42 -8.68 -18.09
N ASP D 111 -9.12 -8.70 -18.41
CA ASP D 111 -8.48 -9.90 -18.91
C ASP D 111 -8.12 -10.86 -17.79
N TYR D 112 -8.18 -10.42 -16.53
CA TYR D 112 -7.77 -11.23 -15.39
C TYR D 112 -8.86 -11.44 -14.37
N TYR D 113 -9.78 -10.50 -14.23
CA TYR D 113 -10.84 -10.59 -13.24
C TYR D 113 -12.17 -10.35 -13.94
N PRO D 114 -13.19 -11.19 -13.69
CA PRO D 114 -14.51 -10.94 -14.31
C PRO D 114 -15.18 -9.77 -13.61
N GLY D 115 -15.70 -8.84 -14.40
CA GLY D 115 -16.28 -7.69 -13.78
C GLY D 115 -17.41 -7.17 -14.61
N LYS D 116 -17.94 -6.03 -14.22
CA LYS D 116 -19.08 -5.45 -14.90
C LYS D 116 -19.18 -4.04 -14.36
N TYR D 117 -18.36 -3.17 -14.90
CA TYR D 117 -18.18 -1.84 -14.36
C TYR D 117 -18.74 -0.83 -15.34
N GLU D 118 -19.42 0.17 -14.83
CA GLU D 118 -20.02 1.20 -15.66
C GLU D 118 -18.99 2.29 -15.90
N TYR D 119 -18.85 2.70 -17.15
CA TYR D 119 -17.96 3.79 -17.53
C TYR D 119 -18.81 5.00 -17.90
N ASP D 120 -18.20 6.18 -17.84
CA ASP D 120 -18.96 7.43 -17.77
C ASP D 120 -19.62 7.79 -19.10
N TYR D 121 -18.83 8.02 -20.13
CA TYR D 121 -19.29 8.69 -21.33
C TYR D 121 -19.28 7.72 -22.52
N TRP D 122 -20.37 7.74 -23.28
CA TRP D 122 -20.59 6.81 -24.38
C TRP D 122 -20.98 7.57 -25.64
N GLY D 123 -20.48 7.10 -26.77
CA GLY D 123 -20.90 7.61 -28.06
C GLY D 123 -22.18 6.96 -28.56
N GLN D 124 -22.53 7.32 -29.79
CA GLN D 124 -23.77 6.85 -30.38
C GLN D 124 -23.61 5.50 -31.07
N GLY D 125 -22.41 5.21 -31.58
CA GLY D 125 -22.18 3.97 -32.27
C GLY D 125 -22.16 4.16 -33.77
N THR D 126 -21.32 3.42 -34.47
CA THR D 126 -21.25 3.46 -35.92
C THR D 126 -21.24 2.03 -36.44
N GLN D 127 -22.06 1.76 -37.46
CA GLN D 127 -22.20 0.38 -37.94
C GLN D 127 -21.01 -0.03 -38.78
N VAL D 128 -20.48 -1.21 -38.48
CA VAL D 128 -19.35 -1.83 -39.18
C VAL D 128 -19.80 -3.21 -39.61
N THR D 129 -20.05 -3.39 -40.92
CA THR D 129 -20.53 -4.62 -41.52
C THR D 129 -19.46 -5.22 -42.43
N VAL D 130 -19.09 -6.48 -42.19
CA VAL D 130 -18.06 -7.15 -43.01
C VAL D 130 -18.73 -8.30 -43.76
N SER D 131 -18.89 -8.16 -45.09
CA SER D 131 -19.61 -9.17 -45.87
C SER D 131 -19.20 -9.16 -47.34
N SER D 132 -19.30 -10.32 -48.00
CA SER D 132 -18.96 -10.41 -49.42
C SER D 132 -20.12 -10.02 -50.33
N HIS D 133 -21.32 -10.47 -50.01
CA HIS D 133 -22.52 -9.80 -50.47
C HIS D 133 -22.82 -9.88 -51.97
N HIS D 134 -22.84 -8.70 -52.60
CA HIS D 134 -23.37 -8.51 -53.94
CA HIS D 134 -23.38 -8.53 -53.94
C HIS D 134 -22.43 -8.94 -55.07
N HIS D 135 -22.69 -8.40 -56.26
CA HIS D 135 -21.86 -8.66 -57.43
#